data_8DQG
#
_entry.id   8DQG
#
_cell.length_a   110.953
_cell.length_b   110.953
_cell.length_c   113.587
_cell.angle_alpha   90.000
_cell.angle_beta   90.000
_cell.angle_gamma   90.000
#
_symmetry.space_group_name_H-M   'I 4'
#
loop_
_entity.id
_entity.type
_entity.pdbx_description
1 polymer 'AA_TRNA_LIGASE_II domain-containing protein'
2 non-polymer 'PHOSPHOAMINOPHOSPHONIC ACID-ADENYLATE ESTER'
3 non-polymer '(2~{S})-2-azanyl-3-(9-oxidanylidene-10~{H}-acridin-2-yl)propanoic acid'
4 non-polymer 'MAGNESIUM ION'
5 non-polymer GLYCEROL
6 non-polymer DI(HYDROXYETHYL)ETHER
7 water water
#
_entity_poly.entity_id   1
_entity_poly.type   'polypeptide(L)'
_entity_poly.pdbx_seq_one_letter_code
;SGTVKYTDAQIQRLREYGNGTYEQKVFEDLASRDAAFSKEMSVASTDNEKKIKGMIANPSRHGLTQLMNDIADALVAEGF
IEVRTPIFISKDALARMTITEDKPLFKQVFWIDEKRALRPMLAPNLYSVMRDLRDHTDGPVKIFEMGSCFRKESHSGMHL
EEFTMLALGDMGPRGDATEVLKNYISVVMKAAGLPDYDLVQEESDVYKETIDVEINGQEVCSAAVGPHYLDAAHDVHEPC
SGAGFGLERLLTIREKYSTVKKGGASISYLNGAKIN
;
_entity_poly.pdbx_strand_id   D,A
#
# COMPACT_ATOMS: atom_id res chain seq x y z
N GLY A 2 23.74 19.43 -35.39
CA GLY A 2 24.91 18.50 -35.30
C GLY A 2 24.52 17.11 -34.83
N THR A 3 25.50 16.33 -34.40
CA THR A 3 25.26 14.97 -33.93
C THR A 3 25.70 14.75 -32.48
N VAL A 4 26.17 15.78 -31.80
CA VAL A 4 26.65 15.66 -30.42
C VAL A 4 25.45 15.72 -29.49
N LYS A 5 25.35 14.77 -28.57
CA LYS A 5 24.24 14.69 -27.62
C LYS A 5 24.78 15.04 -26.23
N TYR A 6 23.89 15.30 -25.28
CA TYR A 6 24.33 15.28 -23.88
C TYR A 6 24.93 13.91 -23.58
N THR A 7 25.97 13.89 -22.73
CA THR A 7 26.54 12.61 -22.32
C THR A 7 25.55 11.84 -21.45
N ASP A 8 25.79 10.54 -21.28
CA ASP A 8 24.91 9.75 -20.43
C ASP A 8 24.92 10.31 -19.01
N ALA A 9 26.09 10.72 -18.52
CA ALA A 9 26.20 11.31 -17.20
C ALA A 9 25.45 12.62 -17.12
N GLN A 10 25.59 13.47 -18.15
CA GLN A 10 24.83 14.72 -18.18
C GLN A 10 23.31 14.47 -18.18
N ILE A 11 22.84 13.47 -18.92
CA ILE A 11 21.41 13.15 -18.93
C ILE A 11 20.96 12.79 -17.53
N GLN A 12 21.73 11.93 -16.85
CA GLN A 12 21.37 11.57 -15.47
C GLN A 12 21.34 12.78 -14.56
N ARG A 13 22.31 13.69 -14.70
CA ARG A 13 22.36 14.86 -13.84
C ARG A 13 21.18 15.79 -14.11
N LEU A 14 20.79 15.93 -15.38
CA LEU A 14 19.65 16.76 -15.73
C LEU A 14 18.36 16.17 -15.21
N ARG A 15 18.20 14.85 -15.32
CA ARG A 15 16.98 14.19 -14.87
C ARG A 15 16.89 14.12 -13.35
N GLU A 16 17.97 14.37 -12.61
CA GLU A 16 17.87 14.28 -11.16
C GLU A 16 16.83 15.26 -10.61
N TYR A 17 16.88 16.51 -11.05
CA TYR A 17 15.96 17.56 -10.61
C TYR A 17 15.00 18.00 -11.71
N GLY A 18 15.24 17.64 -12.97
CA GLY A 18 14.44 18.12 -14.08
C GLY A 18 13.58 17.04 -14.70
N ASN A 19 12.44 17.46 -15.21
CA ASN A 19 11.51 16.59 -15.90
C ASN A 19 11.36 16.93 -17.39
N GLY A 20 12.37 17.61 -17.96
CA GLY A 20 12.42 17.84 -19.38
C GLY A 20 12.78 16.59 -20.15
N THR A 21 12.89 16.76 -21.47
CA THR A 21 13.21 15.68 -22.42
C THR A 21 14.59 15.92 -23.00
N TYR A 22 15.61 15.60 -22.23
CA TYR A 22 16.96 16.03 -22.54
C TYR A 22 17.61 15.17 -23.62
N GLU A 23 17.15 13.93 -23.76
CA GLU A 23 17.79 12.97 -24.64
C GLU A 23 17.60 13.34 -26.11
N GLN A 24 16.71 14.29 -26.42
CA GLN A 24 16.44 14.69 -27.79
C GLN A 24 17.40 15.75 -28.32
N LYS A 25 18.07 16.47 -27.44
CA LYS A 25 18.89 17.61 -27.83
C LYS A 25 20.12 17.17 -28.60
N VAL A 26 20.44 17.93 -29.65
CA VAL A 26 21.65 17.73 -30.43
C VAL A 26 22.38 19.05 -30.55
N PHE A 27 23.71 18.96 -30.64
CA PHE A 27 24.60 20.11 -30.62
C PHE A 27 25.67 19.95 -31.70
N GLU A 28 26.25 21.08 -32.05
CA GLU A 28 27.31 21.09 -33.06
C GLU A 28 28.63 20.56 -32.52
N ASP A 29 28.91 20.76 -31.24
CA ASP A 29 30.22 20.46 -30.69
C ASP A 29 30.15 20.39 -29.18
N LEU A 30 31.28 20.01 -28.58
CA LEU A 30 31.29 19.79 -27.14
C LEU A 30 31.05 21.09 -26.39
N ALA A 31 31.63 22.20 -26.87
CA ALA A 31 31.46 23.46 -26.17
C ALA A 31 29.99 23.85 -26.10
N SER A 32 29.27 23.71 -27.20
CA SER A 32 27.85 24.08 -27.22
CA SER A 32 27.86 24.11 -27.18
C SER A 32 27.03 23.15 -26.34
N ARG A 33 27.34 21.85 -26.39
CA ARG A 33 26.71 20.88 -25.50
C ARG A 33 26.90 21.29 -24.04
N ASP A 34 28.14 21.59 -23.65
CA ASP A 34 28.42 21.88 -22.25
C ASP A 34 27.78 23.18 -21.78
N ALA A 35 27.74 24.20 -22.66
CA ALA A 35 27.07 25.46 -22.32
C ALA A 35 25.58 25.25 -22.12
N ALA A 36 24.96 24.45 -22.99
CA ALA A 36 23.53 24.16 -22.86
C ALA A 36 23.25 23.37 -21.60
N PHE A 37 24.13 22.42 -21.28
CA PHE A 37 23.98 21.64 -20.05
C PHE A 37 23.95 22.54 -18.83
N SER A 38 24.90 23.46 -18.74
CA SER A 38 24.96 24.39 -17.61
C SER A 38 23.66 25.17 -17.48
N LYS A 39 23.15 25.69 -18.60
CA LYS A 39 21.92 26.48 -18.55
C LYS A 39 20.74 25.63 -18.11
N GLU A 40 20.63 24.42 -18.66
N GLU A 40 20.60 24.43 -18.71
CA GLU A 40 19.46 23.60 -18.38
CA GLU A 40 19.44 23.58 -18.40
C GLU A 40 19.49 22.98 -16.99
C GLU A 40 19.48 23.14 -16.94
N MET A 41 20.67 22.81 -16.41
CA MET A 41 20.76 22.38 -15.02
C MET A 41 20.19 23.45 -14.09
N SER A 42 20.48 24.72 -14.37
CA SER A 42 19.90 25.79 -13.54
C SER A 42 18.38 25.87 -13.68
N VAL A 43 17.87 25.74 -14.90
CA VAL A 43 16.42 25.74 -15.10
C VAL A 43 15.81 24.59 -14.31
N ALA A 44 16.41 23.41 -14.40
CA ALA A 44 15.81 22.25 -13.75
C ALA A 44 15.69 22.47 -12.24
N SER A 45 16.74 23.01 -11.63
CA SER A 45 16.70 23.19 -10.19
CA SER A 45 16.70 23.19 -10.19
CA SER A 45 16.75 23.24 -10.19
C SER A 45 15.73 24.30 -9.80
N THR A 46 15.63 25.36 -10.58
CA THR A 46 14.64 26.41 -10.30
C THR A 46 13.23 25.86 -10.36
N ASP A 47 12.92 25.11 -11.42
CA ASP A 47 11.58 24.56 -11.57
C ASP A 47 11.29 23.59 -10.43
N ASN A 48 12.29 22.80 -10.03
CA ASN A 48 12.09 21.84 -8.95
C ASN A 48 11.74 22.56 -7.66
N GLU A 49 12.45 23.63 -7.36
CA GLU A 49 12.19 24.37 -6.13
C GLU A 49 10.79 24.98 -6.13
N LYS A 50 10.36 25.51 -7.27
CA LYS A 50 9.01 26.05 -7.37
C LYS A 50 7.98 24.97 -7.04
N LYS A 51 8.18 23.76 -7.53
CA LYS A 51 7.21 22.70 -7.26
C LYS A 51 7.16 22.37 -5.77
N ILE A 52 8.32 22.26 -5.12
CA ILE A 52 8.32 21.98 -3.69
C ILE A 52 7.59 23.07 -2.93
N LYS A 53 7.89 24.34 -3.24
CA LYS A 53 7.24 25.43 -2.52
C LYS A 53 5.72 25.36 -2.70
N GLY A 54 5.27 24.98 -3.88
CA GLY A 54 3.84 24.86 -4.11
C GLY A 54 3.19 23.78 -3.29
N MET A 55 3.88 22.65 -3.12
CA MET A 55 3.31 21.54 -2.34
C MET A 55 3.23 21.92 -0.88
N ILE A 56 4.25 22.64 -0.38
CA ILE A 56 4.23 23.10 1.01
C ILE A 56 3.10 24.11 1.22
N ALA A 57 2.87 24.98 0.24
CA ALA A 57 1.83 26.01 0.35
C ALA A 57 0.42 25.43 0.21
N ASN A 58 0.28 24.29 -0.45
CA ASN A 58 -1.03 23.69 -0.73
C ASN A 58 -0.96 22.19 -0.47
N PRO A 59 -0.97 21.80 0.80
CA PRO A 59 -0.88 20.36 1.13
C PRO A 59 -1.98 19.54 0.45
N SER A 60 -1.59 18.36 -0.01
CA SER A 60 -2.50 17.55 -0.81
CA SER A 60 -2.51 17.55 -0.80
C SER A 60 -2.25 16.07 -0.56
N ARG A 61 -3.23 15.26 -0.99
CA ARG A 61 -3.02 13.83 -1.08
C ARG A 61 -1.86 13.57 -2.05
N HIS A 62 -1.19 12.45 -1.83
CA HIS A 62 -0.07 12.06 -2.69
C HIS A 62 -0.57 11.69 -4.07
N GLY A 63 0.26 11.98 -5.08
CA GLY A 63 -0.14 11.70 -6.46
C GLY A 63 -0.43 10.24 -6.73
N LEU A 64 0.36 9.34 -6.13
CA LEU A 64 0.10 7.92 -6.34
C LEU A 64 -1.19 7.49 -5.63
N THR A 65 -1.39 7.96 -4.40
CA THR A 65 -2.66 7.69 -3.71
C THR A 65 -3.86 8.21 -4.49
N GLN A 66 -3.74 9.40 -5.09
CA GLN A 66 -4.84 9.95 -5.86
C GLN A 66 -5.15 9.10 -7.08
N LEU A 67 -4.10 8.64 -7.78
CA LEU A 67 -4.32 7.79 -8.94
C LEU A 67 -4.99 6.49 -8.53
N MET A 68 -4.53 5.90 -7.43
CA MET A 68 -5.19 4.69 -6.93
C MET A 68 -6.66 4.94 -6.65
N ASN A 69 -7.00 6.05 -5.99
CA ASN A 69 -8.40 6.34 -5.67
C ASN A 69 -9.21 6.56 -6.94
N ASP A 70 -8.64 7.26 -7.92
CA ASP A 70 -9.37 7.52 -9.15
C ASP A 70 -9.73 6.20 -9.85
N ILE A 71 -8.74 5.30 -9.98
CA ILE A 71 -9.01 4.02 -10.66
C ILE A 71 -9.95 3.16 -9.82
N ALA A 72 -9.72 3.10 -8.50
CA ALA A 72 -10.50 2.20 -7.67
C ALA A 72 -11.97 2.60 -7.69
N ASP A 73 -12.26 3.89 -7.64
CA ASP A 73 -13.64 4.32 -7.68
C ASP A 73 -14.31 3.95 -8.99
N ALA A 74 -13.57 4.03 -10.11
CA ALA A 74 -14.13 3.64 -11.40
C ALA A 74 -14.44 2.14 -11.42
N LEU A 75 -13.55 1.32 -10.86
CA LEU A 75 -13.80 -0.13 -10.86
C LEU A 75 -14.94 -0.53 -9.92
N VAL A 76 -15.02 0.09 -8.74
CA VAL A 76 -16.16 -0.20 -7.86
C VAL A 76 -17.47 0.16 -8.55
N ALA A 77 -17.48 1.27 -9.30
CA ALA A 77 -18.68 1.70 -10.03
C ALA A 77 -19.10 0.68 -11.08
N GLU A 78 -18.16 -0.18 -11.52
CA GLU A 78 -18.45 -1.25 -12.48
C GLU A 78 -18.74 -2.58 -11.80
N GLY A 79 -18.82 -2.63 -10.47
CA GLY A 79 -19.08 -3.87 -9.76
C GLY A 79 -17.89 -4.74 -9.41
N PHE A 80 -16.67 -4.17 -9.37
CA PHE A 80 -15.50 -4.87 -8.84
C PHE A 80 -15.39 -4.70 -7.33
N ILE A 81 -15.12 -5.79 -6.63
CA ILE A 81 -14.80 -5.78 -5.21
C ILE A 81 -13.33 -5.42 -5.03
N GLU A 82 -13.05 -4.41 -4.21
CA GLU A 82 -11.67 -4.14 -3.81
C GLU A 82 -11.27 -5.10 -2.69
N VAL A 83 -10.15 -5.81 -2.89
CA VAL A 83 -9.58 -6.67 -1.88
C VAL A 83 -8.19 -6.14 -1.49
N ARG A 84 -7.74 -6.53 -0.29
CA ARG A 84 -6.37 -6.34 0.16
C ARG A 84 -5.85 -7.68 0.64
N THR A 85 -4.68 -8.08 0.15
CA THR A 85 -4.13 -9.38 0.48
C THR A 85 -2.73 -9.19 1.06
N PRO A 86 -2.19 -10.21 1.73
CA PRO A 86 -0.87 -10.04 2.36
C PRO A 86 0.23 -9.86 1.34
N ILE A 87 1.26 -9.10 1.75
CA ILE A 87 2.47 -9.00 0.94
C ILE A 87 3.27 -10.31 0.94
N PHE A 88 3.26 -11.06 2.04
CA PHE A 88 3.93 -12.36 2.09
C PHE A 88 3.11 -13.43 1.36
N ILE A 89 3.78 -14.23 0.52
CA ILE A 89 3.19 -15.42 -0.10
C ILE A 89 4.15 -16.61 0.04
N SER A 90 3.62 -17.81 -0.22
CA SER A 90 4.40 -19.01 0.02
C SER A 90 5.18 -19.42 -1.23
N LYS A 91 6.23 -20.21 -1.00
CA LYS A 91 6.96 -20.82 -2.12
C LYS A 91 6.02 -21.66 -2.97
N ASP A 92 5.09 -22.37 -2.31
CA ASP A 92 4.12 -23.17 -3.05
C ASP A 92 3.25 -22.30 -3.95
N ALA A 93 2.82 -21.14 -3.44
CA ALA A 93 1.99 -20.26 -4.27
C ALA A 93 2.74 -19.81 -5.51
N LEU A 94 4.03 -19.52 -5.36
CA LEU A 94 4.84 -19.19 -6.53
C LEU A 94 4.90 -20.37 -7.49
N ALA A 95 5.09 -21.58 -6.98
CA ALA A 95 5.17 -22.76 -7.85
C ALA A 95 3.88 -22.96 -8.65
N ARG A 96 2.73 -22.66 -8.05
CA ARG A 96 1.46 -22.78 -8.75
C ARG A 96 1.31 -21.76 -9.89
N MET A 97 2.06 -20.66 -9.84
CA MET A 97 2.15 -19.75 -10.97
C MET A 97 3.17 -20.20 -12.00
N THR A 98 3.76 -21.39 -11.82
CA THR A 98 4.88 -21.91 -12.59
C THR A 98 6.18 -21.16 -12.33
N ILE A 99 6.28 -20.43 -11.21
CA ILE A 99 7.51 -19.71 -10.87
C ILE A 99 8.31 -20.63 -9.96
N THR A 100 9.10 -21.50 -10.57
CA THR A 100 9.94 -22.46 -9.87
C THR A 100 11.41 -22.15 -10.13
N GLU A 101 12.28 -22.96 -9.49
CA GLU A 101 13.68 -22.60 -9.34
C GLU A 101 14.37 -22.26 -10.65
N ASP A 102 13.97 -22.90 -11.75
CA ASP A 102 14.63 -22.70 -13.01
C ASP A 102 14.16 -21.47 -13.78
N LYS A 103 13.09 -20.80 -13.34
CA LYS A 103 12.52 -19.73 -14.14
C LYS A 103 13.17 -18.39 -13.83
N PRO A 104 13.28 -17.51 -14.83
CA PRO A 104 13.95 -16.22 -14.58
C PRO A 104 13.30 -15.38 -13.49
N LEU A 105 11.97 -15.34 -13.43
CA LEU A 105 11.33 -14.54 -12.39
C LEU A 105 11.69 -15.06 -11.00
N PHE A 106 11.89 -16.37 -10.86
CA PHE A 106 12.25 -16.93 -9.57
C PHE A 106 13.50 -16.25 -9.02
N LYS A 107 14.48 -15.98 -9.88
CA LYS A 107 15.70 -15.33 -9.45
C LYS A 107 15.47 -13.91 -8.97
N GLN A 108 14.33 -13.30 -9.28
CA GLN A 108 14.02 -11.94 -8.86
C GLN A 108 13.28 -11.87 -7.53
N VAL A 109 12.92 -13.00 -6.95
CA VAL A 109 12.11 -13.03 -5.75
C VAL A 109 12.95 -12.70 -4.51
N PHE A 110 12.37 -11.86 -3.64
CA PHE A 110 12.94 -11.59 -2.31
C PHE A 110 12.34 -12.59 -1.32
N TRP A 111 13.18 -13.47 -0.79
CA TRP A 111 12.76 -14.45 0.21
C TRP A 111 12.84 -13.87 1.62
N ILE A 112 11.87 -14.24 2.44
CA ILE A 112 11.79 -13.86 3.85
C ILE A 112 12.31 -14.97 4.74
N ASP A 113 12.01 -16.21 4.37
CA ASP A 113 12.52 -17.40 5.03
C ASP A 113 12.50 -18.52 3.98
N GLU A 114 12.71 -19.76 4.42
CA GLU A 114 12.80 -20.86 3.47
C GLU A 114 11.51 -21.08 2.71
N LYS A 115 10.36 -20.65 3.24
CA LYS A 115 9.08 -21.01 2.68
C LYS A 115 8.22 -19.81 2.29
N ARG A 116 8.69 -18.59 2.49
CA ARG A 116 7.87 -17.41 2.26
C ARG A 116 8.67 -16.33 1.57
N ALA A 117 7.98 -15.54 0.75
CA ALA A 117 8.61 -14.50 -0.04
C ALA A 117 7.73 -13.26 -0.08
N LEU A 118 8.36 -12.13 -0.39
CA LEU A 118 7.60 -10.95 -0.81
C LEU A 118 6.96 -11.23 -2.16
N ARG A 119 5.67 -10.94 -2.29
CA ARG A 119 5.01 -11.21 -3.56
C ARG A 119 5.66 -10.41 -4.69
N PRO A 120 5.98 -11.03 -5.83
CA PRO A 120 6.42 -10.25 -7.00
C PRO A 120 5.28 -9.86 -7.92
N MET A 121 4.08 -10.35 -7.64
CA MET A 121 2.87 -10.12 -8.44
C MET A 121 1.70 -10.37 -7.50
N LEU A 122 0.53 -9.85 -7.88
CA LEU A 122 -0.68 -10.02 -7.08
C LEU A 122 -1.47 -11.27 -7.44
N ALA A 123 -1.21 -11.87 -8.60
CA ALA A 123 -2.05 -12.97 -9.09
C ALA A 123 -2.18 -14.13 -8.10
N PRO A 124 -1.13 -14.59 -7.42
CA PRO A 124 -1.31 -15.74 -6.51
C PRO A 124 -2.43 -15.51 -5.50
N ASN A 125 -2.42 -14.36 -4.82
CA ASN A 125 -3.45 -14.10 -3.83
C ASN A 125 -4.81 -13.87 -4.48
N LEU A 126 -4.84 -13.18 -5.63
CA LEU A 126 -6.13 -12.92 -6.28
C LEU A 126 -6.76 -14.20 -6.81
N TYR A 127 -5.98 -15.11 -7.36
CA TYR A 127 -6.54 -16.40 -7.75
C TYR A 127 -7.21 -17.07 -6.56
N SER A 128 -6.56 -17.08 -5.39
CA SER A 128 -7.14 -17.69 -4.21
C SER A 128 -8.46 -17.06 -3.84
N VAL A 129 -8.49 -15.72 -3.76
CA VAL A 129 -9.69 -15.02 -3.32
C VAL A 129 -10.82 -15.20 -4.34
N MET A 130 -10.52 -15.08 -5.63
CA MET A 130 -11.53 -15.28 -6.66
C MET A 130 -12.16 -16.66 -6.57
N ARG A 131 -11.32 -17.69 -6.43
CA ARG A 131 -11.85 -19.05 -6.35
C ARG A 131 -12.78 -19.22 -5.15
N ASP A 132 -12.41 -18.63 -4.00
CA ASP A 132 -13.27 -18.73 -2.84
C ASP A 132 -14.58 -17.95 -3.03
N LEU A 133 -14.53 -16.79 -3.67
CA LEU A 133 -15.74 -16.03 -3.92
C LEU A 133 -16.69 -16.76 -4.86
N ARG A 134 -16.16 -17.54 -5.81
CA ARG A 134 -17.01 -18.38 -6.67
C ARG A 134 -17.89 -19.32 -5.86
N ASP A 135 -17.45 -19.68 -4.66
CA ASP A 135 -18.28 -20.54 -3.84
C ASP A 135 -19.56 -19.85 -3.39
N HIS A 136 -19.65 -18.52 -3.53
CA HIS A 136 -20.75 -17.74 -2.98
C HIS A 136 -21.62 -17.07 -4.03
N THR A 137 -21.41 -17.36 -5.31
CA THR A 137 -22.22 -16.74 -6.35
C THR A 137 -22.16 -17.61 -7.60
N ASP A 138 -23.22 -17.54 -8.41
CA ASP A 138 -23.22 -18.16 -9.72
C ASP A 138 -22.83 -17.22 -10.83
N GLY A 139 -22.68 -15.92 -10.53
CA GLY A 139 -22.41 -14.92 -11.53
C GLY A 139 -20.94 -14.60 -11.60
N PRO A 140 -20.61 -13.53 -12.33
CA PRO A 140 -19.20 -13.15 -12.47
C PRO A 140 -18.58 -12.83 -11.13
N VAL A 141 -17.30 -13.17 -10.97
CA VAL A 141 -16.52 -12.79 -9.81
C VAL A 141 -15.49 -11.78 -10.31
N LYS A 142 -15.60 -10.54 -9.83
CA LYS A 142 -14.76 -9.44 -10.29
C LYS A 142 -14.12 -8.78 -9.08
N ILE A 143 -12.79 -8.84 -9.02
CA ILE A 143 -12.06 -8.26 -7.89
C ILE A 143 -10.85 -7.49 -8.41
N PHE A 144 -10.34 -6.61 -7.57
CA PHE A 144 -9.06 -5.96 -7.83
C PHE A 144 -8.35 -5.65 -6.53
N GLU A 145 -7.03 -5.47 -6.65
CA GLU A 145 -6.19 -5.03 -5.55
C GLU A 145 -5.17 -4.05 -6.08
N MET A 146 -4.82 -3.08 -5.24
CA MET A 146 -3.68 -2.20 -5.49
CA MET A 146 -3.71 -2.16 -5.47
C MET A 146 -2.73 -2.30 -4.32
N GLY A 147 -1.47 -2.61 -4.61
CA GLY A 147 -0.51 -2.73 -3.52
C GLY A 147 0.89 -3.04 -4.01
N SER A 148 1.83 -2.97 -3.07
CA SER A 148 3.24 -3.12 -3.40
C SER A 148 3.58 -4.57 -3.72
N CYS A 149 4.39 -4.73 -4.78
CA CYS A 149 5.06 -5.95 -5.18
C CYS A 149 6.55 -5.66 -5.26
N PHE A 150 7.37 -6.72 -5.19
CA PHE A 150 8.81 -6.58 -5.03
C PHE A 150 9.55 -7.51 -5.97
N ARG A 151 10.55 -6.98 -6.66
CA ARG A 151 11.40 -7.78 -7.54
C ARG A 151 12.82 -7.23 -7.51
N LYS A 152 13.82 -8.13 -7.52
CA LYS A 152 15.21 -7.71 -7.69
C LYS A 152 15.41 -7.31 -9.15
N GLU A 153 15.90 -6.08 -9.39
CA GLU A 153 16.01 -5.57 -10.75
C GLU A 153 17.36 -4.90 -10.97
N SER A 154 17.74 -4.80 -12.25
CA SER A 154 18.97 -4.10 -12.62
C SER A 154 19.26 -4.29 -14.10
N SER A 156 17.60 -0.40 -15.20
CA SER A 156 16.87 0.32 -14.19
C SER A 156 15.71 1.03 -14.86
N GLY A 157 15.67 1.00 -16.19
CA GLY A 157 14.69 1.63 -17.07
C GLY A 157 13.28 1.24 -16.72
N MET A 158 12.49 2.17 -16.14
CA MET A 158 11.11 1.93 -15.72
C MET A 158 10.98 0.77 -14.76
N HIS A 159 12.07 0.41 -14.06
CA HIS A 159 12.05 -0.64 -13.04
C HIS A 159 12.37 -0.09 -11.65
N LEU A 160 11.52 -0.45 -10.71
CA LEU A 160 11.67 -0.21 -9.29
C LEU A 160 11.76 -1.56 -8.58
N GLU A 161 12.45 -1.63 -7.45
CA GLU A 161 12.42 -2.90 -6.72
C GLU A 161 11.14 -3.08 -5.92
N GLU A 162 10.55 -1.99 -5.44
CA GLU A 162 9.20 -1.97 -4.88
C GLU A 162 8.34 -1.16 -5.84
N PHE A 163 7.25 -1.75 -6.35
CA PHE A 163 6.36 -1.03 -7.26
C PHE A 163 4.93 -1.34 -6.88
N THR A 164 4.00 -0.51 -7.37
CA THR A 164 2.59 -0.65 -7.00
C THR A 164 1.84 -1.23 -8.19
N MET A 165 1.37 -2.46 -8.04
CA MET A 165 0.54 -3.08 -9.06
CA MET A 165 0.54 -3.09 -9.04
C MET A 165 -0.93 -2.82 -8.76
N LEU A 166 -1.69 -2.53 -9.82
CA LEU A 166 -3.14 -2.71 -9.81
C LEU A 166 -3.38 -4.00 -10.58
N ALA A 167 -4.00 -5.00 -9.95
CA ALA A 167 -4.34 -6.24 -10.63
C ALA A 167 -5.83 -6.44 -10.50
N LEU A 168 -6.47 -6.83 -11.61
CA LEU A 168 -7.88 -7.17 -11.60
C LEU A 168 -8.07 -8.57 -12.13
N GLY A 169 -9.12 -9.22 -11.65
CA GLY A 169 -9.51 -10.54 -12.15
C GLY A 169 -11.00 -10.59 -12.38
N ASP A 170 -11.42 -11.29 -13.44
CA ASP A 170 -12.84 -11.45 -13.75
C ASP A 170 -13.04 -12.90 -14.15
N MET A 171 -13.69 -13.67 -13.28
CA MET A 171 -14.00 -15.08 -13.48
C MET A 171 -15.45 -15.20 -13.91
N GLY A 172 -15.70 -15.95 -14.97
CA GLY A 172 -17.05 -16.20 -15.39
C GLY A 172 -17.71 -14.96 -15.91
N PRO A 173 -17.00 -14.21 -16.77
CA PRO A 173 -17.57 -12.99 -17.32
C PRO A 173 -18.80 -13.28 -18.16
N ARG A 174 -19.75 -12.34 -18.13
CA ARG A 174 -20.87 -12.36 -19.06
C ARG A 174 -20.34 -11.82 -20.39
N GLY A 175 -20.25 -12.69 -21.38
CA GLY A 175 -19.74 -12.32 -22.69
C GLY A 175 -18.37 -12.92 -22.94
N ASP A 176 -17.82 -12.57 -24.10
CA ASP A 176 -16.54 -13.11 -24.53
C ASP A 176 -15.43 -12.56 -23.63
N ALA A 177 -14.57 -13.45 -23.13
CA ALA A 177 -13.62 -13.07 -22.10
C ALA A 177 -12.63 -12.02 -22.60
N THR A 178 -12.23 -12.11 -23.87
CA THR A 178 -11.27 -11.13 -24.39
C THR A 178 -11.91 -9.75 -24.55
N GLU A 179 -13.13 -9.69 -25.08
CA GLU A 179 -13.82 -8.41 -25.21
C GLU A 179 -14.02 -7.78 -23.84
N VAL A 180 -14.42 -8.58 -22.87
CA VAL A 180 -14.64 -8.07 -21.51
C VAL A 180 -13.34 -7.52 -20.95
N LEU A 181 -12.24 -8.22 -21.16
CA LEU A 181 -10.93 -7.76 -20.70
C LEU A 181 -10.54 -6.43 -21.34
N LYS A 182 -10.75 -6.28 -22.64
CA LYS A 182 -10.45 -5.02 -23.29
C LYS A 182 -11.28 -3.88 -22.72
N ASN A 183 -12.54 -4.16 -22.40
CA ASN A 183 -13.38 -3.10 -21.84
C ASN A 183 -12.89 -2.67 -20.47
N TYR A 184 -12.52 -3.62 -19.61
CA TYR A 184 -12.04 -3.21 -18.28
C TYR A 184 -10.68 -2.52 -18.36
N ILE A 185 -9.83 -2.89 -19.33
CA ILE A 185 -8.61 -2.11 -19.56
C ILE A 185 -8.97 -0.67 -19.90
N SER A 186 -9.98 -0.47 -20.75
CA SER A 186 -10.43 0.86 -21.11
C SER A 186 -10.89 1.65 -19.88
N VAL A 187 -11.67 1.01 -19.01
CA VAL A 187 -12.14 1.69 -17.79
C VAL A 187 -10.94 2.20 -16.97
N VAL A 188 -9.93 1.35 -16.80
CA VAL A 188 -8.77 1.72 -15.99
C VAL A 188 -8.02 2.87 -16.64
N MET A 189 -7.71 2.73 -17.94
CA MET A 189 -6.90 3.72 -18.64
C MET A 189 -7.58 5.08 -18.68
N LYS A 190 -8.88 5.11 -18.99
CA LYS A 190 -9.58 6.39 -18.96
C LYS A 190 -9.58 6.99 -17.55
N ALA A 191 -9.84 6.15 -16.53
CA ALA A 191 -9.88 6.66 -15.16
C ALA A 191 -8.53 7.19 -14.73
N ALA A 192 -7.46 6.62 -15.26
CA ALA A 192 -6.09 7.06 -14.96
C ALA A 192 -5.72 8.35 -15.70
N GLY A 193 -6.56 8.82 -16.62
CA GLY A 193 -6.23 9.97 -17.41
C GLY A 193 -5.32 9.68 -18.59
N LEU A 194 -5.30 8.44 -19.07
CA LEU A 194 -4.48 8.02 -20.20
C LEU A 194 -5.33 7.30 -21.23
N PRO A 195 -6.21 8.04 -21.92
CA PRO A 195 -7.13 7.39 -22.85
C PRO A 195 -6.49 6.90 -24.14
N ASP A 196 -5.26 7.33 -24.47
CA ASP A 196 -4.61 6.96 -25.72
C ASP A 196 -3.52 5.93 -25.45
N TYR A 197 -3.70 4.73 -26.00
CA TYR A 197 -2.78 3.63 -25.75
C TYR A 197 -2.97 2.60 -26.86
N ASP A 198 -2.02 1.66 -26.93
CA ASP A 198 -2.07 0.57 -27.90
C ASP A 198 -2.15 -0.74 -27.15
N LEU A 199 -2.91 -1.70 -27.71
CA LEU A 199 -2.91 -3.07 -27.22
C LEU A 199 -2.06 -3.91 -28.16
N VAL A 200 -1.14 -4.68 -27.60
CA VAL A 200 -0.11 -5.37 -28.39
C VAL A 200 0.09 -6.76 -27.81
N GLN A 201 0.04 -7.79 -28.66
CA GLN A 201 0.26 -9.15 -28.22
C GLN A 201 1.75 -9.39 -27.94
N GLU A 202 2.05 -9.94 -26.77
CA GLU A 202 3.44 -10.21 -26.39
C GLU A 202 3.60 -11.62 -25.82
N GLU A 203 4.81 -12.15 -25.97
CA GLU A 203 5.15 -13.45 -25.42
C GLU A 203 5.30 -13.37 -23.90
N SER A 204 4.99 -14.46 -23.22
CA SER A 204 5.04 -14.50 -21.76
C SER A 204 5.43 -15.90 -21.29
N ASP A 205 6.38 -15.95 -20.35
CA ASP A 205 6.77 -17.23 -19.75
C ASP A 205 5.61 -17.86 -18.99
N VAL A 206 4.92 -17.05 -18.17
CA VAL A 206 3.87 -17.59 -17.30
C VAL A 206 2.57 -17.81 -18.06
N TYR A 207 2.17 -16.83 -18.89
CA TYR A 207 0.86 -16.80 -19.52
C TYR A 207 0.86 -17.24 -20.98
N LYS A 208 2.03 -17.59 -21.53
CA LYS A 208 2.21 -17.97 -22.93
C LYS A 208 2.16 -16.75 -23.85
N GLU A 209 1.04 -16.05 -23.86
CA GLU A 209 0.87 -14.81 -24.59
C GLU A 209 0.05 -13.87 -23.73
N THR A 210 0.43 -12.60 -23.72
CA THR A 210 -0.36 -11.58 -23.04
C THR A 210 -0.83 -10.56 -24.07
N ILE A 211 -1.85 -9.80 -23.68
CA ILE A 211 -2.18 -8.53 -24.35
C ILE A 211 -1.61 -7.44 -23.47
N ASP A 212 -0.65 -6.67 -24.01
CA ASP A 212 0.01 -5.63 -23.24
C ASP A 212 -0.56 -4.27 -23.64
N VAL A 213 -0.66 -3.37 -22.67
CA VAL A 213 -0.98 -1.97 -22.94
C VAL A 213 0.35 -1.24 -23.09
N GLU A 214 0.55 -0.58 -24.22
CA GLU A 214 1.81 0.12 -24.50
C GLU A 214 1.46 1.55 -24.88
N ILE A 215 2.22 2.51 -24.32
CA ILE A 215 2.11 3.92 -24.71
C ILE A 215 3.45 4.32 -25.31
N ASN A 216 3.43 4.65 -26.60
CA ASN A 216 4.66 4.99 -27.30
C ASN A 216 5.73 3.94 -27.05
N GLY A 217 5.30 2.69 -27.08
CA GLY A 217 6.20 1.56 -26.97
C GLY A 217 6.54 1.13 -25.56
N GLN A 218 6.09 1.86 -24.53
CA GLN A 218 6.40 1.51 -23.15
C GLN A 218 5.24 0.69 -22.58
N GLU A 219 5.57 -0.51 -22.10
CA GLU A 219 4.59 -1.37 -21.44
C GLU A 219 4.16 -0.76 -20.12
N VAL A 220 2.84 -0.66 -19.92
CA VAL A 220 2.27 -0.26 -18.64
C VAL A 220 1.35 -1.31 -18.03
N CYS A 221 1.03 -2.37 -18.76
CA CYS A 221 0.14 -3.42 -18.27
C CYS A 221 0.35 -4.66 -19.12
N SER A 222 0.20 -5.82 -18.47
CA SER A 222 0.04 -7.10 -19.16
CA SER A 222 0.03 -7.09 -19.17
C SER A 222 -1.26 -7.74 -18.72
N ALA A 223 -1.98 -8.30 -19.67
CA ALA A 223 -3.27 -8.93 -19.40
C ALA A 223 -3.34 -10.27 -20.11
N ALA A 224 -4.16 -11.18 -19.59
CA ALA A 224 -4.28 -12.48 -20.22
C ALA A 224 -5.60 -13.14 -19.85
N VAL A 225 -6.12 -13.92 -20.82
CA VAL A 225 -7.22 -14.85 -20.56
C VAL A 225 -6.57 -16.20 -20.26
N GLY A 226 -6.70 -16.67 -19.03
CA GLY A 226 -6.03 -17.90 -18.64
C GLY A 226 -4.53 -17.74 -18.61
N PRO A 227 -3.78 -18.69 -19.19
CA PRO A 227 -4.23 -19.86 -19.96
C PRO A 227 -4.83 -20.99 -19.12
N HIS A 228 -5.37 -22.01 -19.79
CA HIS A 228 -6.11 -23.04 -19.07
C HIS A 228 -5.26 -23.73 -18.01
N TYR A 229 -4.01 -24.08 -18.33
CA TYR A 229 -3.21 -24.80 -17.35
C TYR A 229 -3.04 -23.99 -16.08
N LEU A 230 -2.92 -22.66 -16.22
CA LEU A 230 -2.72 -21.81 -15.04
C LEU A 230 -4.01 -21.69 -14.24
N ASP A 231 -5.14 -21.53 -14.94
CA ASP A 231 -6.43 -21.53 -14.25
C ASP A 231 -6.64 -22.84 -13.48
N ALA A 232 -6.38 -23.97 -14.14
CA ALA A 232 -6.64 -25.26 -13.49
C ALA A 232 -5.72 -25.49 -12.30
N ALA A 233 -4.49 -24.96 -12.35
CA ALA A 233 -3.59 -25.05 -11.19
C ALA A 233 -4.17 -24.32 -9.97
N HIS A 234 -5.11 -23.42 -10.17
CA HIS A 234 -5.78 -22.69 -9.10
C HIS A 234 -7.23 -23.13 -8.92
N ASP A 235 -7.58 -24.31 -9.45
CA ASP A 235 -8.93 -24.87 -9.32
C ASP A 235 -9.99 -23.99 -9.98
N VAL A 236 -9.62 -23.30 -11.04
CA VAL A 236 -10.55 -22.49 -11.84
C VAL A 236 -10.83 -23.24 -13.13
N HIS A 237 -12.12 -23.44 -13.42
CA HIS A 237 -12.58 -24.30 -14.51
C HIS A 237 -13.67 -23.62 -15.31
N GLU A 238 -13.41 -22.36 -15.68
CA GLU A 238 -14.34 -21.53 -16.43
C GLU A 238 -13.54 -20.39 -17.03
N PRO A 239 -14.12 -19.65 -17.98
CA PRO A 239 -13.36 -18.54 -18.58
C PRO A 239 -12.95 -17.53 -17.51
N CYS A 240 -11.73 -17.08 -17.62
CA CYS A 240 -11.14 -16.24 -16.60
C CYS A 240 -10.16 -15.32 -17.30
N SER A 241 -10.03 -14.12 -16.75
CA SER A 241 -9.08 -13.18 -17.27
C SER A 241 -8.58 -12.28 -16.15
N GLY A 242 -7.48 -11.61 -16.42
CA GLY A 242 -6.93 -10.68 -15.47
C GLY A 242 -5.94 -9.76 -16.14
N ALA A 243 -5.55 -8.75 -15.37
CA ALA A 243 -4.61 -7.75 -15.88
C ALA A 243 -3.84 -7.15 -14.72
N GLY A 244 -2.59 -6.79 -14.99
CA GLY A 244 -1.78 -6.11 -13.99
C GLY A 244 -1.13 -4.87 -14.57
N PHE A 245 -1.38 -3.73 -13.92
CA PHE A 245 -0.91 -2.44 -14.33
C PHE A 245 0.16 -1.93 -13.37
N GLY A 246 1.19 -1.30 -13.91
CA GLY A 246 2.20 -0.65 -13.09
C GLY A 246 1.82 0.79 -12.81
N LEU A 247 1.38 1.09 -11.59
CA LEU A 247 0.85 2.43 -11.34
C LEU A 247 1.90 3.52 -11.42
N GLU A 248 3.12 3.28 -10.93
CA GLU A 248 4.16 4.31 -11.08
C GLU A 248 4.45 4.58 -12.56
N ARG A 249 4.45 3.53 -13.39
CA ARG A 249 4.66 3.71 -14.83
C ARG A 249 3.56 4.59 -15.42
N LEU A 250 2.30 4.33 -15.06
CA LEU A 250 1.21 5.17 -15.54
C LEU A 250 1.40 6.62 -15.11
N LEU A 251 1.70 6.83 -13.83
CA LEU A 251 1.83 8.19 -13.32
C LEU A 251 3.00 8.92 -13.96
N THR A 252 4.12 8.21 -14.16
CA THR A 252 5.30 8.79 -14.78
C THR A 252 4.98 9.29 -16.18
N ILE A 253 4.26 8.48 -16.95
CA ILE A 253 3.91 8.85 -18.32
C ILE A 253 2.93 10.03 -18.34
N ARG A 254 1.89 9.96 -17.50
CA ARG A 254 0.87 11.02 -17.52
C ARG A 254 1.44 12.36 -17.10
N GLU A 255 2.27 12.37 -16.05
CA GLU A 255 2.84 13.59 -15.49
C GLU A 255 4.10 14.03 -16.20
N LYS A 256 4.60 13.23 -17.13
CA LYS A 256 5.80 13.53 -17.91
C LYS A 256 7.04 13.66 -17.01
N TYR A 257 7.13 12.82 -15.98
CA TYR A 257 8.35 12.74 -15.19
C TYR A 257 9.44 12.03 -15.99
N SER A 258 10.70 12.45 -15.78
CA SER A 258 11.81 11.97 -16.60
C SER A 258 12.37 10.63 -16.14
N THR A 259 12.02 10.17 -14.95
CA THR A 259 12.33 8.81 -14.53
C THR A 259 11.13 8.26 -13.75
N VAL A 260 11.13 6.93 -13.58
CA VAL A 260 10.05 6.23 -12.87
C VAL A 260 10.16 6.31 -11.36
N LYS A 261 11.22 6.93 -10.83
CA LYS A 261 11.51 6.98 -9.40
C LYS A 261 10.88 8.18 -8.70
N LYS A 262 10.12 9.02 -9.40
CA LYS A 262 9.73 10.31 -8.84
C LYS A 262 8.30 10.39 -8.33
N GLY A 263 7.40 9.54 -8.81
CA GLY A 263 6.00 9.69 -8.51
C GLY A 263 5.45 8.75 -7.45
N GLY A 264 6.21 7.73 -7.09
CA GLY A 264 5.81 6.74 -6.10
C GLY A 264 6.48 6.96 -4.76
N ALA A 265 6.69 5.87 -4.03
CA ALA A 265 7.26 5.93 -2.71
C ALA A 265 8.74 6.26 -2.78
N SER A 266 9.19 7.12 -1.86
CA SER A 266 10.57 7.60 -1.95
C SER A 266 10.88 8.41 -0.70
N ILE A 267 12.17 8.43 -0.33
CA ILE A 267 12.66 9.42 0.62
C ILE A 267 13.44 10.53 -0.06
N SER A 268 13.54 10.52 -1.40
CA SER A 268 14.17 11.61 -2.13
CA SER A 268 14.18 11.61 -2.13
C SER A 268 13.22 12.42 -2.98
N TYR A 269 12.16 11.83 -3.51
CA TYR A 269 11.21 12.52 -4.37
C TYR A 269 9.85 12.60 -3.69
N LEU A 270 9.13 13.67 -3.99
CA LEU A 270 7.74 13.82 -3.58
C LEU A 270 7.00 14.39 -4.78
N ASN A 271 6.09 13.60 -5.36
CA ASN A 271 5.23 14.07 -6.44
C ASN A 271 6.02 14.77 -7.53
N GLY A 272 7.10 14.10 -7.98
CA GLY A 272 7.86 14.58 -9.13
C GLY A 272 9.04 15.46 -8.83
N ALA A 273 9.16 15.96 -7.59
CA ALA A 273 10.19 16.92 -7.21
C ALA A 273 11.15 16.29 -6.20
N LYS A 274 12.43 16.60 -6.34
CA LYS A 274 13.45 16.08 -5.44
C LYS A 274 13.61 17.00 -4.23
N ILE A 275 13.49 16.43 -3.03
CA ILE A 275 13.45 17.25 -1.80
C ILE A 275 14.81 17.39 -1.14
N ASN A 276 15.81 16.63 -1.58
CA ASN A 276 17.13 16.67 -0.98
C ASN A 276 18.14 16.95 -2.09
N THR B 3 -22.47 -22.37 37.48
CA THR B 3 -22.48 -21.75 36.16
C THR B 3 -21.39 -22.31 35.24
N VAL B 4 -21.59 -22.17 33.93
CA VAL B 4 -20.56 -22.51 32.97
C VAL B 4 -20.54 -21.46 31.87
N LYS B 5 -19.38 -21.27 31.27
CA LYS B 5 -19.20 -20.40 30.11
C LYS B 5 -18.89 -21.25 28.88
N TYR B 6 -18.87 -20.60 27.72
CA TYR B 6 -18.39 -21.30 26.54
C TYR B 6 -16.95 -21.77 26.79
N THR B 7 -16.65 -22.98 26.32
CA THR B 7 -15.30 -23.49 26.45
C THR B 7 -14.34 -22.70 25.56
N ASP B 8 -13.04 -22.84 25.84
CA ASP B 8 -12.05 -22.15 25.02
C ASP B 8 -12.18 -22.56 23.56
N ALA B 9 -12.41 -23.84 23.31
CA ALA B 9 -12.57 -24.29 21.94
C ALA B 9 -13.85 -23.73 21.33
N GLN B 10 -14.93 -23.66 22.12
CA GLN B 10 -16.17 -23.08 21.61
C GLN B 10 -15.98 -21.62 21.24
N ILE B 11 -15.25 -20.87 22.07
CA ILE B 11 -14.98 -19.46 21.75
C ILE B 11 -14.27 -19.34 20.41
N GLN B 12 -13.21 -20.15 20.18
CA GLN B 12 -12.51 -20.09 18.91
C GLN B 12 -13.42 -20.47 17.75
N ARG B 13 -14.27 -21.48 17.93
CA ARG B 13 -15.16 -21.87 16.86
C ARG B 13 -16.18 -20.79 16.55
N LEU B 14 -16.71 -20.13 17.59
CA LEU B 14 -17.67 -19.05 17.37
C LEU B 14 -17.05 -17.84 16.67
N ARG B 15 -15.80 -17.51 17.00
CA ARG B 15 -15.12 -16.37 16.40
C ARG B 15 -14.64 -16.62 14.98
N GLU B 16 -14.62 -17.86 14.53
CA GLU B 16 -14.16 -18.11 13.17
C GLU B 16 -15.03 -17.41 12.14
N TYR B 17 -16.35 -17.57 12.24
CA TYR B 17 -17.33 -16.95 11.34
C TYR B 17 -18.11 -15.84 12.00
N GLY B 18 -18.08 -15.74 13.34
CA GLY B 18 -18.92 -14.81 14.07
C GLY B 18 -18.16 -13.64 14.66
N ASN B 19 -18.85 -12.50 14.74
CA ASN B 19 -18.32 -11.27 15.32
C ASN B 19 -19.11 -10.82 16.54
N GLY B 20 -19.83 -11.73 17.16
CA GLY B 20 -20.47 -11.44 18.44
C GLY B 20 -19.45 -11.33 19.56
N THR B 21 -19.97 -11.06 20.75
CA THR B 21 -19.19 -11.03 21.99
C THR B 21 -19.60 -12.29 22.74
N TYR B 22 -18.76 -13.31 22.69
CA TYR B 22 -19.14 -14.61 23.23
C TYR B 22 -18.56 -14.88 24.60
N GLU B 23 -17.48 -14.21 24.97
CA GLU B 23 -16.76 -14.53 26.20
C GLU B 23 -17.56 -14.18 27.46
N GLN B 24 -18.59 -13.35 27.35
CA GLN B 24 -19.34 -12.93 28.53
C GLN B 24 -20.50 -13.85 28.88
N LYS B 25 -20.92 -14.72 27.96
CA LYS B 25 -22.13 -15.49 28.20
C LYS B 25 -21.90 -16.51 29.33
N VAL B 26 -22.91 -16.66 30.18
CA VAL B 26 -22.89 -17.61 31.28
C VAL B 26 -24.13 -18.48 31.21
N PHE B 27 -23.99 -19.74 31.59
CA PHE B 27 -25.05 -20.73 31.48
C PHE B 27 -25.17 -21.53 32.77
N GLU B 28 -26.36 -22.09 32.98
CA GLU B 28 -26.63 -22.83 34.20
C GLU B 28 -26.05 -24.24 34.20
N ASP B 29 -25.83 -24.84 33.04
CA ASP B 29 -25.35 -26.22 32.98
C ASP B 29 -24.84 -26.53 31.57
N LEU B 30 -24.22 -27.70 31.43
CA LEU B 30 -23.60 -28.02 30.14
C LEU B 30 -24.65 -28.09 29.03
N ALA B 31 -25.84 -28.60 29.33
CA ALA B 31 -26.84 -28.75 28.29
C ALA B 31 -27.25 -27.39 27.72
N SER B 32 -27.41 -26.39 28.60
CA SER B 32 -27.82 -25.07 28.12
C SER B 32 -26.66 -24.36 27.39
N ARG B 33 -25.42 -24.53 27.86
CA ARG B 33 -24.27 -24.03 27.13
C ARG B 33 -24.23 -24.61 25.72
N ASP B 34 -24.45 -25.93 25.60
CA ASP B 34 -24.31 -26.59 24.31
C ASP B 34 -25.44 -26.21 23.37
N ALA B 35 -26.66 -26.05 23.90
CA ALA B 35 -27.77 -25.54 23.11
C ALA B 35 -27.49 -24.13 22.60
N ALA B 36 -27.02 -23.24 23.47
CA ALA B 36 -26.72 -21.87 23.04
C ALA B 36 -25.60 -21.85 22.02
N PHE B 37 -24.59 -22.69 22.21
CA PHE B 37 -23.47 -22.75 21.28
C PHE B 37 -23.96 -23.13 19.89
N SER B 38 -24.78 -24.17 19.81
CA SER B 38 -25.25 -24.66 18.51
CA SER B 38 -25.24 -24.64 18.50
C SER B 38 -26.03 -23.56 17.78
N LYS B 39 -26.87 -22.83 18.52
CA LYS B 39 -27.64 -21.74 17.91
C LYS B 39 -26.72 -20.60 17.47
N GLU B 40 -25.79 -20.19 18.34
CA GLU B 40 -24.94 -19.07 17.95
C GLU B 40 -24.00 -19.45 16.80
N MET B 41 -23.56 -20.72 16.74
CA MET B 41 -22.76 -21.15 15.61
C MET B 41 -23.54 -21.06 14.30
N SER B 42 -24.80 -21.48 14.33
CA SER B 42 -25.61 -21.47 13.13
CA SER B 42 -25.62 -21.48 13.12
C SER B 42 -25.89 -20.06 12.66
N VAL B 43 -26.22 -19.17 13.60
CA VAL B 43 -26.48 -17.78 13.28
C VAL B 43 -25.24 -17.12 12.70
N ALA B 44 -24.08 -17.35 13.33
CA ALA B 44 -22.86 -16.73 12.85
C ALA B 44 -22.57 -17.15 11.41
N SER B 45 -22.74 -18.44 11.12
CA SER B 45 -22.40 -18.95 9.80
C SER B 45 -23.34 -18.38 8.74
N THR B 46 -24.65 -18.39 8.99
CA THR B 46 -25.60 -17.86 8.02
CA THR B 46 -25.61 -17.86 8.03
C THR B 46 -25.43 -16.36 7.84
N ASP B 47 -25.23 -15.61 8.94
CA ASP B 47 -24.97 -14.18 8.83
CA ASP B 47 -24.97 -14.18 8.82
C ASP B 47 -23.73 -13.93 7.97
N ASN B 48 -22.69 -14.71 8.19
CA ASN B 48 -21.46 -14.56 7.42
C ASN B 48 -21.71 -14.78 5.92
N GLU B 49 -22.41 -15.87 5.58
CA GLU B 49 -22.73 -16.15 4.18
C GLU B 49 -23.49 -14.99 3.55
N LYS B 50 -24.51 -14.47 4.24
CA LYS B 50 -25.29 -13.34 3.71
C LYS B 50 -24.43 -12.10 3.50
N LYS B 51 -23.49 -11.81 4.43
CA LYS B 51 -22.62 -10.66 4.27
C LYS B 51 -21.74 -10.79 3.05
N ILE B 52 -21.22 -11.99 2.76
CA ILE B 52 -20.40 -12.14 1.57
C ILE B 52 -21.28 -11.95 0.34
N LYS B 53 -22.46 -12.54 0.33
CA LYS B 53 -23.31 -12.37 -0.83
C LYS B 53 -23.65 -10.90 -1.06
N GLY B 54 -23.73 -10.12 0.01
CA GLY B 54 -23.99 -8.68 -0.14
C GLY B 54 -22.82 -7.91 -0.73
N MET B 55 -21.60 -8.28 -0.39
CA MET B 55 -20.43 -7.61 -0.97
C MET B 55 -20.30 -7.91 -2.46
N ILE B 56 -20.58 -9.15 -2.85
CA ILE B 56 -20.53 -9.50 -4.28
C ILE B 56 -21.60 -8.72 -5.04
N ALA B 57 -22.79 -8.63 -4.45
CA ALA B 57 -23.91 -7.98 -5.11
C ALA B 57 -23.74 -6.47 -5.19
N ASN B 58 -23.12 -5.84 -4.17
CA ASN B 58 -22.96 -4.39 -4.09
C ASN B 58 -21.58 -4.06 -3.58
N PRO B 59 -20.57 -4.20 -4.44
CA PRO B 59 -19.18 -4.05 -3.98
C PRO B 59 -18.91 -2.63 -3.51
N SER B 60 -17.94 -2.53 -2.61
CA SER B 60 -17.52 -1.24 -2.09
CA SER B 60 -17.53 -1.24 -2.08
C SER B 60 -16.01 -1.20 -2.01
N ARG B 61 -15.48 0.00 -1.81
CA ARG B 61 -14.08 0.10 -1.42
C ARG B 61 -13.87 -0.75 -0.17
N HIS B 62 -12.67 -1.31 -0.07
CA HIS B 62 -12.33 -2.13 1.09
C HIS B 62 -12.42 -1.30 2.37
N GLY B 63 -12.81 -1.96 3.47
CA GLY B 63 -13.00 -1.24 4.74
C GLY B 63 -11.73 -0.55 5.22
N LEU B 64 -10.58 -1.20 5.02
CA LEU B 64 -9.33 -0.57 5.47
C LEU B 64 -8.96 0.61 4.59
N THR B 65 -9.12 0.46 3.26
CA THR B 65 -8.91 1.56 2.33
C THR B 65 -9.82 2.75 2.64
N GLN B 66 -11.10 2.48 2.95
CA GLN B 66 -12.03 3.55 3.29
C GLN B 66 -11.60 4.29 4.55
N LEU B 67 -11.17 3.54 5.56
CA LEU B 67 -10.69 4.18 6.81
C LEU B 67 -9.49 5.06 6.53
N MET B 68 -8.53 4.56 5.71
CA MET B 68 -7.39 5.39 5.32
C MET B 68 -7.85 6.67 4.63
N ASN B 69 -8.76 6.58 3.70
CA ASN B 69 -9.22 7.75 2.98
C ASN B 69 -9.93 8.72 3.93
N ASP B 70 -10.76 8.22 4.85
CA ASP B 70 -11.45 9.11 5.77
C ASP B 70 -10.46 9.90 6.62
N ILE B 71 -9.46 9.21 7.17
CA ILE B 71 -8.45 9.89 7.99
C ILE B 71 -7.61 10.84 7.15
N ALA B 72 -7.19 10.38 5.97
CA ALA B 72 -6.36 11.21 5.10
C ALA B 72 -7.06 12.50 4.71
N ASP B 73 -8.34 12.45 4.35
CA ASP B 73 -8.89 13.73 3.94
CA ASP B 73 -9.14 13.64 4.01
C ASP B 73 -9.03 14.67 5.14
N ALA B 74 -9.20 14.17 6.36
CA ALA B 74 -9.21 15.03 7.54
C ALA B 74 -7.85 15.66 7.79
N LEU B 75 -6.78 14.89 7.62
CA LEU B 75 -5.44 15.42 7.87
C LEU B 75 -5.04 16.44 6.80
N VAL B 76 -5.34 16.18 5.53
CA VAL B 76 -5.05 17.19 4.50
C VAL B 76 -5.80 18.48 4.79
N ALA B 77 -7.06 18.37 5.25
CA ALA B 77 -7.82 19.57 5.61
C ALA B 77 -7.18 20.34 6.76
N GLU B 78 -6.44 19.65 7.62
CA GLU B 78 -5.71 20.26 8.72
C GLU B 78 -4.33 20.78 8.30
N GLY B 79 -3.96 20.65 7.02
CA GLY B 79 -2.69 21.16 6.52
C GLY B 79 -1.55 20.17 6.44
N PHE B 80 -1.84 18.86 6.54
CA PHE B 80 -0.82 17.82 6.43
C PHE B 80 -0.61 17.43 4.97
N ILE B 81 0.65 17.28 4.58
CA ILE B 81 1.05 16.73 3.29
C ILE B 81 1.12 15.21 3.41
N GLU B 82 0.47 14.49 2.49
CA GLU B 82 0.63 13.05 2.43
C GLU B 82 1.92 12.65 1.71
N VAL B 83 2.69 11.75 2.34
CA VAL B 83 3.89 11.19 1.72
C VAL B 83 3.76 9.68 1.67
N ARG B 84 4.56 9.07 0.79
CA ARG B 84 4.70 7.61 0.69
C ARG B 84 6.18 7.31 0.64
N THR B 85 6.65 6.40 1.48
CA THR B 85 8.07 6.08 1.58
C THR B 85 8.27 4.60 1.38
N PRO B 86 9.50 4.16 1.13
CA PRO B 86 9.73 2.74 0.81
C PRO B 86 9.49 1.83 2.00
N ILE B 87 9.07 0.61 1.72
CA ILE B 87 8.97 -0.42 2.75
C ILE B 87 10.35 -0.88 3.21
N PHE B 88 11.35 -0.91 2.32
CA PHE B 88 12.70 -1.28 2.72
C PHE B 88 13.37 -0.12 3.45
N ILE B 89 14.05 -0.42 4.56
CA ILE B 89 14.90 0.53 5.25
C ILE B 89 16.24 -0.12 5.55
N SER B 90 17.24 0.71 5.78
CA SER B 90 18.59 0.20 6.01
C SER B 90 18.82 -0.16 7.48
N LYS B 91 19.79 -1.05 7.70
CA LYS B 91 20.23 -1.34 9.06
C LYS B 91 20.72 -0.07 9.75
N ASP B 92 21.42 0.79 9.02
CA ASP B 92 21.91 2.03 9.62
C ASP B 92 20.74 2.92 10.04
N ALA B 93 19.67 2.96 9.24
CA ALA B 93 18.50 3.76 9.59
C ALA B 93 17.88 3.25 10.88
N LEU B 94 17.76 1.93 11.03
CA LEU B 94 17.26 1.38 12.28
C LEU B 94 18.19 1.71 13.43
N ALA B 95 19.50 1.60 13.22
CA ALA B 95 20.45 1.92 14.28
C ALA B 95 20.30 3.37 14.73
N ARG B 96 20.10 4.28 13.77
CA ARG B 96 19.86 5.68 14.14
C ARG B 96 18.53 5.86 14.86
N MET B 97 17.61 4.90 14.72
CA MET B 97 16.39 4.85 15.50
C MET B 97 16.63 4.37 16.92
N THR B 98 17.86 3.99 17.26
CA THR B 98 18.22 3.27 18.49
C THR B 98 17.79 1.81 18.47
N ILE B 99 17.24 1.32 17.36
CA ILE B 99 16.90 -0.10 17.24
C ILE B 99 18.16 -0.86 16.89
N THR B 100 18.98 -1.13 17.89
CA THR B 100 20.24 -1.84 17.71
C THR B 100 20.09 -3.30 18.18
N GLU B 101 21.14 -4.11 17.94
CA GLU B 101 21.05 -5.54 18.20
C GLU B 101 20.53 -5.94 19.59
N ASP B 102 20.60 -5.04 20.58
CA ASP B 102 20.20 -5.34 21.93
C ASP B 102 18.74 -5.04 22.20
N LYS B 103 18.16 -4.06 21.46
CA LYS B 103 16.79 -3.65 21.70
C LYS B 103 15.84 -4.77 21.30
N PRO B 104 14.80 -5.04 22.11
CA PRO B 104 13.85 -6.14 21.77
C PRO B 104 13.18 -6.01 20.41
N LEU B 105 12.93 -4.79 19.92
CA LEU B 105 12.35 -4.66 18.58
C LEU B 105 13.27 -5.23 17.51
N PHE B 106 14.59 -5.09 17.70
CA PHE B 106 15.55 -5.59 16.72
C PHE B 106 15.29 -7.05 16.40
N LYS B 107 15.04 -7.87 17.42
CA LYS B 107 14.78 -9.28 17.18
C LYS B 107 13.48 -9.51 16.41
N GLN B 108 12.62 -8.50 16.29
CA GLN B 108 11.37 -8.63 15.55
C GLN B 108 11.50 -8.24 14.08
N VAL B 109 12.68 -7.82 13.63
CA VAL B 109 12.84 -7.26 12.30
C VAL B 109 12.99 -8.37 11.26
N PHE B 110 12.30 -8.22 10.13
CA PHE B 110 12.44 -9.13 8.99
C PHE B 110 13.56 -8.59 8.10
N TRP B 111 14.69 -9.29 8.05
CA TRP B 111 15.79 -8.84 7.21
C TRP B 111 15.61 -9.33 5.77
N ILE B 112 15.99 -8.47 4.82
CA ILE B 112 15.95 -8.81 3.41
C ILE B 112 17.32 -9.22 2.90
N ASP B 113 18.37 -8.57 3.40
CA ASP B 113 19.76 -8.92 3.12
C ASP B 113 20.58 -8.44 4.32
N GLU B 114 21.91 -8.40 4.17
CA GLU B 114 22.76 -8.04 5.29
C GLU B 114 22.55 -6.61 5.75
N LYS B 115 22.05 -5.73 4.88
CA LYS B 115 22.02 -4.30 5.15
C LYS B 115 20.62 -3.71 5.13
N ARG B 116 19.59 -4.49 4.80
CA ARG B 116 18.26 -3.92 4.61
C ARG B 116 17.20 -4.80 5.23
N ALA B 117 16.13 -4.15 5.67
CA ALA B 117 15.03 -4.81 6.37
C ALA B 117 13.69 -4.23 5.91
N LEU B 118 12.63 -4.99 6.15
CA LEU B 118 11.29 -4.44 6.08
C LEU B 118 11.09 -3.49 7.26
N ARG B 119 10.53 -2.31 7.00
CA ARG B 119 10.39 -1.35 8.08
C ARG B 119 9.44 -1.88 9.14
N PRO B 120 9.79 -1.79 10.43
CA PRO B 120 8.85 -2.12 11.51
C PRO B 120 7.99 -0.95 11.96
N MET B 121 8.29 0.24 11.45
CA MET B 121 7.58 1.47 11.81
CA MET B 121 7.58 1.47 11.81
C MET B 121 7.87 2.48 10.70
N LEU B 122 7.08 3.55 10.68
CA LEU B 122 7.24 4.57 9.65
C LEU B 122 8.16 5.71 10.07
N ALA B 123 8.43 5.86 11.38
CA ALA B 123 9.15 7.03 11.88
C ALA B 123 10.47 7.34 11.17
N PRO B 124 11.35 6.37 10.92
CA PRO B 124 12.66 6.75 10.33
C PRO B 124 12.51 7.46 9.00
N ASN B 125 11.62 6.96 8.14
CA ASN B 125 11.43 7.57 6.84
C ASN B 125 10.72 8.92 6.98
N LEU B 126 9.70 8.99 7.87
CA LEU B 126 8.94 10.23 8.02
C LEU B 126 9.82 11.36 8.55
N TYR B 127 10.67 11.08 9.54
CA TYR B 127 11.52 12.13 10.07
C TYR B 127 12.49 12.65 9.01
N SER B 128 13.03 11.74 8.19
CA SER B 128 13.94 12.13 7.12
C SER B 128 13.24 13.08 6.15
N VAL B 129 12.02 12.73 5.73
CA VAL B 129 11.29 13.55 4.78
C VAL B 129 10.93 14.90 5.40
N MET B 130 10.50 14.91 6.67
CA MET B 130 10.19 16.20 7.30
C MET B 130 11.40 17.11 7.35
N ARG B 131 12.56 16.57 7.72
CA ARG B 131 13.77 17.39 7.81
C ARG B 131 14.10 17.98 6.45
N ASP B 132 14.02 17.17 5.40
CA ASP B 132 14.34 17.67 4.06
C ASP B 132 13.33 18.72 3.60
N LEU B 133 12.04 18.54 3.92
CA LEU B 133 11.05 19.56 3.54
C LEU B 133 11.30 20.87 4.29
N ARG B 134 11.71 20.79 5.56
CA ARG B 134 12.02 22.00 6.33
C ARG B 134 13.17 22.78 5.73
N ASP B 135 14.03 22.12 4.94
CA ASP B 135 15.10 22.85 4.26
C ASP B 135 14.57 23.81 3.19
N HIS B 136 13.28 23.70 2.84
CA HIS B 136 12.70 24.47 1.75
C HIS B 136 11.67 25.50 2.21
N THR B 137 11.52 25.71 3.51
CA THR B 137 10.52 26.66 3.99
C THR B 137 10.92 27.19 5.35
N ASP B 138 10.37 28.37 5.68
CA ASP B 138 10.57 28.98 6.98
C ASP B 138 9.53 28.54 8.00
N GLY B 139 8.46 27.91 7.56
CA GLY B 139 7.36 27.55 8.43
C GLY B 139 7.40 26.11 8.86
N PRO B 140 6.46 25.70 9.69
CA PRO B 140 6.41 24.31 10.11
C PRO B 140 5.97 23.40 8.97
N VAL B 141 6.36 22.14 9.09
CA VAL B 141 6.03 21.12 8.11
C VAL B 141 5.26 20.03 8.82
N LYS B 142 4.10 19.66 8.29
CA LYS B 142 3.23 18.63 8.85
C LYS B 142 2.99 17.60 7.76
N ILE B 143 3.33 16.34 8.02
CA ILE B 143 3.18 15.28 7.03
C ILE B 143 2.63 14.02 7.68
N PHE B 144 2.07 13.13 6.85
CA PHE B 144 1.62 11.83 7.30
C PHE B 144 1.84 10.79 6.21
N GLU B 145 1.90 9.52 6.63
CA GLU B 145 1.95 8.38 5.71
C GLU B 145 1.08 7.28 6.29
N MET B 146 0.47 6.50 5.40
CA MET B 146 -0.20 5.27 5.78
C MET B 146 0.36 4.13 4.96
N GLY B 147 0.82 3.08 5.63
CA GLY B 147 1.36 1.95 4.89
C GLY B 147 1.74 0.77 5.76
N SER B 148 2.06 -0.32 5.08
CA SER B 148 2.41 -1.56 5.78
C SER B 148 3.76 -1.48 6.49
N CYS B 149 3.79 -2.03 7.70
CA CYS B 149 4.98 -2.26 8.52
C CYS B 149 4.97 -3.73 8.93
N PHE B 150 6.13 -4.24 9.34
CA PHE B 150 6.27 -5.68 9.51
C PHE B 150 7.07 -5.99 10.77
N ARG B 151 6.58 -6.97 11.54
CA ARG B 151 7.24 -7.39 12.76
C ARG B 151 6.97 -8.87 13.02
N LYS B 152 8.00 -9.59 13.44
CA LYS B 152 7.83 -10.97 13.88
C LYS B 152 7.07 -10.97 15.21
N GLU B 153 5.98 -11.72 15.30
CA GLU B 153 5.09 -11.59 16.45
C GLU B 153 4.55 -12.94 16.93
N SER B 154 3.97 -12.92 18.14
CA SER B 154 3.32 -14.08 18.75
C SER B 154 1.88 -14.14 18.29
N MET B 158 -4.37 -9.06 19.00
CA MET B 158 -4.22 -7.74 18.40
C MET B 158 -2.88 -7.53 17.69
N HIS B 159 -2.14 -8.61 17.43
CA HIS B 159 -0.87 -8.54 16.69
C HIS B 159 -0.98 -9.26 15.35
N LEU B 160 -0.45 -8.60 14.34
CA LEU B 160 -0.34 -9.09 12.97
C LEU B 160 1.13 -8.96 12.59
N GLU B 161 1.61 -9.85 11.70
CA GLU B 161 2.99 -9.70 11.24
C GLU B 161 3.11 -8.55 10.24
N GLU B 162 2.10 -8.34 9.40
CA GLU B 162 1.99 -7.18 8.53
C GLU B 162 0.83 -6.36 9.06
N PHE B 163 1.07 -5.09 9.38
CA PHE B 163 0.00 -4.21 9.83
C PHE B 163 0.15 -2.86 9.17
N THR B 164 -0.91 -2.07 9.23
CA THR B 164 -0.95 -0.78 8.54
C THR B 164 -0.84 0.33 9.58
N MET B 165 0.24 1.08 9.53
CA MET B 165 0.43 2.21 10.44
C MET B 165 0.02 3.48 9.73
N LEU B 166 -0.63 4.36 10.48
CA LEU B 166 -0.69 5.78 10.17
C LEU B 166 0.34 6.46 11.06
N ALA B 167 1.28 7.19 10.47
CA ALA B 167 2.20 8.01 11.24
C ALA B 167 2.05 9.44 10.79
N LEU B 168 1.96 10.37 11.73
CA LEU B 168 1.92 11.78 11.40
C LEU B 168 3.02 12.48 12.18
N GLY B 169 3.53 13.56 11.61
CA GLY B 169 4.58 14.32 12.26
C GLY B 169 4.43 15.80 11.99
N ASP B 170 4.97 16.60 12.91
CA ASP B 170 4.96 18.06 12.81
C ASP B 170 6.33 18.55 13.25
N MET B 171 7.02 19.27 12.39
CA MET B 171 8.38 19.73 12.67
C MET B 171 8.46 21.23 12.51
N GLY B 172 9.11 21.88 13.46
CA GLY B 172 9.36 23.29 13.40
C GLY B 172 8.64 24.06 14.49
N PRO B 173 8.66 25.39 14.36
CA PRO B 173 8.07 26.25 15.40
C PRO B 173 6.63 25.91 15.68
N ARG B 174 6.32 25.68 16.96
CA ARG B 174 4.98 25.25 17.34
C ARG B 174 4.35 26.21 18.34
N GLY B 175 4.55 25.97 19.62
CA GLY B 175 3.87 26.73 20.66
C GLY B 175 2.82 25.89 21.35
N ASP B 176 3.16 25.37 22.54
CA ASP B 176 2.31 24.40 23.26
C ASP B 176 2.21 23.10 22.46
N ALA B 177 3.36 22.46 22.27
CA ALA B 177 3.43 21.27 21.45
C ALA B 177 2.50 20.16 21.96
N THR B 178 2.33 20.04 23.27
CA THR B 178 1.51 18.94 23.77
C THR B 178 0.04 19.11 23.39
N GLU B 179 -0.49 20.32 23.52
CA GLU B 179 -1.89 20.52 23.15
C GLU B 179 -2.10 20.34 21.66
N VAL B 180 -1.14 20.79 20.85
CA VAL B 180 -1.24 20.63 19.40
C VAL B 180 -1.25 19.15 19.03
N LEU B 181 -0.39 18.36 19.67
CA LEU B 181 -0.36 16.93 19.41
C LEU B 181 -1.66 16.25 19.83
N LYS B 182 -2.18 16.62 21.00
CA LYS B 182 -3.46 16.07 21.43
C LYS B 182 -4.57 16.43 20.44
N ASN B 183 -4.50 17.62 19.85
CA ASN B 183 -5.50 17.98 18.86
C ASN B 183 -5.37 17.13 17.59
N TYR B 184 -4.14 16.86 17.14
CA TYR B 184 -4.00 15.97 15.98
C TYR B 184 -4.59 14.60 16.27
N ILE B 185 -4.38 14.11 17.49
CA ILE B 185 -4.96 12.82 17.87
C ILE B 185 -6.48 12.87 17.77
N SER B 186 -7.08 13.94 18.28
CA SER B 186 -8.52 14.11 18.19
C SER B 186 -9.00 14.12 16.74
N VAL B 187 -8.27 14.81 15.85
CA VAL B 187 -8.67 14.85 14.44
C VAL B 187 -8.71 13.45 13.87
N VAL B 188 -7.66 12.66 14.12
CA VAL B 188 -7.59 11.30 13.59
C VAL B 188 -8.71 10.43 14.18
N MET B 189 -8.86 10.45 15.51
CA MET B 189 -9.83 9.55 16.14
C MET B 189 -11.26 9.89 15.75
N LYS B 190 -11.59 11.18 15.67
CA LYS B 190 -12.91 11.56 15.19
C LYS B 190 -13.12 11.14 13.74
N ALA B 191 -12.11 11.35 12.87
CA ALA B 191 -12.26 10.99 11.48
C ALA B 191 -12.38 9.48 11.30
N ALA B 192 -11.81 8.70 12.21
CA ALA B 192 -11.90 7.25 12.18
C ALA B 192 -13.22 6.73 12.72
N GLY B 193 -14.04 7.59 13.31
CA GLY B 193 -15.28 7.13 13.92
C GLY B 193 -15.13 6.57 15.32
N LEU B 194 -14.08 6.96 16.04
CA LEU B 194 -13.80 6.50 17.41
C LEU B 194 -13.55 7.71 18.32
N PRO B 195 -14.58 8.51 18.56
CA PRO B 195 -14.38 9.74 19.35
C PRO B 195 -14.14 9.51 20.85
N ASP B 196 -14.40 8.31 21.36
CA ASP B 196 -14.30 8.05 22.80
C ASP B 196 -13.05 7.21 23.05
N TYR B 197 -12.10 7.79 23.79
CA TYR B 197 -10.82 7.14 24.05
C TYR B 197 -10.16 7.78 25.26
N ASP B 198 -9.13 7.11 25.77
CA ASP B 198 -8.37 7.57 26.93
C ASP B 198 -6.93 7.88 26.52
N LEU B 199 -6.37 8.95 27.08
CA LEU B 199 -4.96 9.29 26.92
C LEU B 199 -4.22 8.83 28.17
N VAL B 200 -3.08 8.15 27.97
CA VAL B 200 -2.34 7.47 29.03
C VAL B 200 -0.85 7.76 28.88
N GLN B 201 -0.12 7.64 29.98
CA GLN B 201 1.34 7.82 29.94
C GLN B 201 2.07 6.64 30.55
N THR B 210 5.62 11.32 26.37
CA THR B 210 4.95 10.24 25.64
C THR B 210 3.48 10.11 26.04
N ILE B 211 2.64 9.84 25.05
CA ILE B 211 1.20 9.75 25.25
C ILE B 211 0.71 8.52 24.49
N ASP B 212 -0.02 7.65 25.17
CA ASP B 212 -0.68 6.53 24.50
C ASP B 212 -2.19 6.76 24.46
N VAL B 213 -2.82 6.28 23.39
CA VAL B 213 -4.26 6.31 23.25
C VAL B 213 -4.77 4.90 23.46
N GLU B 214 -5.73 4.74 24.37
CA GLU B 214 -6.32 3.44 24.66
C GLU B 214 -7.83 3.53 24.51
N ILE B 215 -8.44 2.43 24.07
CA ILE B 215 -9.88 2.26 24.10
C ILE B 215 -10.15 1.02 24.94
N ASN B 216 -10.83 1.20 26.07
CA ASN B 216 -11.11 0.09 26.99
C ASN B 216 -9.85 -0.71 27.27
N GLY B 217 -8.74 -0.01 27.49
CA GLY B 217 -7.49 -0.62 27.88
C GLY B 217 -6.61 -1.10 26.74
N GLN B 218 -7.09 -1.08 25.51
CA GLN B 218 -6.29 -1.53 24.36
C GLN B 218 -5.58 -0.35 23.72
N GLU B 219 -4.25 -0.41 23.66
CA GLU B 219 -3.45 0.58 22.97
C GLU B 219 -3.76 0.60 21.47
N VAL B 220 -4.02 1.79 20.95
CA VAL B 220 -4.21 1.99 19.51
C VAL B 220 -3.27 3.04 18.93
N CYS B 221 -2.58 3.82 19.76
CA CYS B 221 -1.68 4.85 19.27
C CYS B 221 -0.62 5.13 20.33
N SER B 222 0.58 5.43 19.87
CA SER B 222 1.64 5.96 20.72
C SER B 222 2.11 7.25 20.07
N ALA B 223 2.31 8.30 20.89
CA ALA B 223 2.68 9.61 20.37
C ALA B 223 3.69 10.24 21.30
N ALA B 224 4.48 11.17 20.78
CA ALA B 224 5.52 11.79 21.59
C ALA B 224 5.86 13.19 21.07
N VAL B 225 6.25 14.06 22.00
CA VAL B 225 6.86 15.34 21.69
C VAL B 225 8.36 15.20 21.84
N GLY B 226 9.11 15.72 20.87
CA GLY B 226 10.53 15.90 21.00
C GLY B 226 11.36 14.63 21.01
N PRO B 227 11.11 13.73 20.04
CA PRO B 227 11.95 12.50 19.93
C PRO B 227 13.29 12.76 19.25
N HIS B 228 14.13 13.55 19.90
CA HIS B 228 15.39 13.98 19.26
C HIS B 228 16.38 12.85 19.07
N TYR B 229 16.06 11.63 19.55
CA TYR B 229 16.89 10.46 19.28
C TYR B 229 16.89 10.10 17.81
N LEU B 230 15.80 10.41 17.11
CA LEU B 230 15.75 10.19 15.67
C LEU B 230 16.85 10.94 14.93
N ASP B 231 17.51 11.89 15.58
CA ASP B 231 18.33 12.90 14.92
C ASP B 231 19.72 12.96 15.52
N ALA B 232 20.35 11.80 15.74
CA ALA B 232 21.69 11.80 16.34
C ALA B 232 22.71 12.51 15.48
N ALA B 233 22.47 12.62 14.17
CA ALA B 233 23.45 13.21 13.27
C ALA B 233 23.59 14.72 13.43
N HIS B 234 22.66 15.38 14.13
CA HIS B 234 22.72 16.82 14.30
C HIS B 234 22.85 17.16 15.78
N ASP B 235 23.70 18.17 16.06
CA ASP B 235 23.80 18.69 17.41
C ASP B 235 22.55 19.45 17.80
N VAL B 236 22.04 20.28 16.89
CA VAL B 236 20.89 21.14 17.14
C VAL B 236 19.71 20.58 16.38
N HIS B 237 18.61 20.36 17.09
CA HIS B 237 17.42 19.74 16.55
C HIS B 237 16.32 20.75 16.25
N GLU B 238 15.43 20.35 15.34
CA GLU B 238 14.17 21.05 15.17
C GLU B 238 13.16 20.51 16.19
N PRO B 239 12.30 21.37 16.76
CA PRO B 239 11.16 20.84 17.52
C PRO B 239 10.34 19.92 16.64
N CYS B 240 9.83 18.84 17.22
N CYS B 240 9.83 18.85 17.22
CA CYS B 240 9.09 17.85 16.44
CA CYS B 240 9.03 17.92 16.43
C CYS B 240 8.19 17.02 17.35
C CYS B 240 8.16 17.08 17.35
N SER B 241 7.04 16.64 16.81
CA SER B 241 6.10 15.75 17.49
CA SER B 241 6.15 15.72 17.49
C SER B 241 5.61 14.74 16.47
N GLY B 242 5.09 13.62 16.97
CA GLY B 242 4.52 12.66 16.03
C GLY B 242 3.65 11.68 16.76
N ALA B 243 2.90 10.90 15.97
CA ALA B 243 2.01 9.90 16.53
C ALA B 243 1.88 8.77 15.52
N GLY B 244 1.77 7.54 16.03
CA GLY B 244 1.57 6.36 15.22
C GLY B 244 0.34 5.58 15.69
N PHE B 245 -0.49 5.20 14.73
CA PHE B 245 -1.75 4.52 14.99
C PHE B 245 -1.76 3.19 14.24
N GLY B 246 -2.28 2.14 14.88
CA GLY B 246 -2.52 0.87 14.20
C GLY B 246 -3.90 0.83 13.56
N LEU B 247 -3.97 0.90 12.22
CA LEU B 247 -5.28 1.05 11.57
C LEU B 247 -6.15 -0.20 11.67
N GLU B 248 -5.56 -1.40 11.56
CA GLU B 248 -6.38 -2.61 11.75
C GLU B 248 -6.97 -2.64 13.15
N ARG B 249 -6.22 -2.19 14.16
CA ARG B 249 -6.76 -2.16 15.51
C ARG B 249 -7.94 -1.19 15.60
N LEU B 250 -7.80 0.01 15.02
CA LEU B 250 -8.93 0.94 15.01
C LEU B 250 -10.16 0.33 14.31
N LEU B 251 -9.94 -0.29 13.15
CA LEU B 251 -11.07 -0.82 12.39
C LEU B 251 -11.74 -1.96 13.14
N THR B 252 -10.94 -2.85 13.74
CA THR B 252 -11.46 -3.98 14.51
C THR B 252 -12.33 -3.51 15.66
N ILE B 253 -11.87 -2.49 16.39
CA ILE B 253 -12.64 -1.95 17.52
C ILE B 253 -13.92 -1.30 17.04
N ARG B 254 -13.82 -0.46 15.99
CA ARG B 254 -15.01 0.24 15.51
C ARG B 254 -16.07 -0.72 15.00
N GLU B 255 -15.66 -1.71 14.21
CA GLU B 255 -16.61 -2.65 13.59
C GLU B 255 -16.98 -3.81 14.51
N LYS B 256 -16.33 -3.89 15.68
CA LYS B 256 -16.60 -4.94 16.66
C LYS B 256 -16.30 -6.34 16.07
N TYR B 257 -15.22 -6.45 15.29
CA TYR B 257 -14.80 -7.76 14.83
C TYR B 257 -14.17 -8.52 15.99
N SER B 258 -14.37 -9.84 16.01
CA SER B 258 -13.96 -10.63 17.18
C SER B 258 -12.48 -10.98 17.20
N THR B 259 -11.76 -10.76 16.10
CA THR B 259 -10.31 -10.84 16.09
C THR B 259 -9.78 -9.73 15.20
N VAL B 260 -8.48 -9.46 15.32
CA VAL B 260 -7.82 -8.41 14.53
C VAL B 260 -7.47 -8.88 13.12
N LYS B 261 -7.80 -10.12 12.76
CA LYS B 261 -7.39 -10.70 11.48
C LYS B 261 -8.44 -10.56 10.38
N LYS B 262 -9.56 -9.86 10.65
CA LYS B 262 -10.69 -9.89 9.75
C LYS B 262 -10.89 -8.65 8.91
N GLY B 263 -10.35 -7.50 9.32
CA GLY B 263 -10.62 -6.26 8.63
C GLY B 263 -9.55 -5.74 7.70
N GLY B 264 -8.34 -6.28 7.80
CA GLY B 264 -7.22 -5.87 6.98
C GLY B 264 -6.94 -6.83 5.85
N ALA B 265 -5.69 -6.88 5.43
CA ALA B 265 -5.28 -7.75 4.35
C ALA B 265 -5.37 -9.21 4.74
N SER B 266 -5.87 -10.04 3.83
CA SER B 266 -6.15 -11.43 4.14
C SER B 266 -6.53 -12.16 2.86
N ILE B 267 -6.29 -13.47 2.85
CA ILE B 267 -6.89 -14.36 1.86
C ILE B 267 -7.95 -15.29 2.45
N SER B 268 -8.28 -15.12 3.74
CA SER B 268 -9.41 -15.81 4.36
C SER B 268 -10.57 -14.93 4.74
N TYR B 269 -10.32 -13.67 5.09
CA TYR B 269 -11.35 -12.73 5.47
C TYR B 269 -11.43 -11.59 4.46
N LEU B 270 -12.63 -11.04 4.31
CA LEU B 270 -12.89 -9.88 3.46
C LEU B 270 -13.87 -9.00 4.23
N ASN B 271 -13.41 -7.84 4.69
CA ASN B 271 -14.27 -6.88 5.38
C ASN B 271 -15.10 -7.54 6.49
N GLY B 272 -14.42 -8.34 7.33
CA GLY B 272 -15.02 -8.95 8.50
C GLY B 272 -15.60 -10.34 8.30
N ALA B 273 -15.75 -10.79 7.06
CA ALA B 273 -16.44 -12.03 6.75
C ALA B 273 -15.46 -13.07 6.22
N LYS B 274 -15.66 -14.32 6.61
CA LYS B 274 -14.76 -15.40 6.20
C LYS B 274 -15.22 -15.97 4.87
N ILE B 275 -14.32 -16.00 3.87
CA ILE B 275 -14.73 -16.38 2.52
C ILE B 275 -14.55 -17.86 2.21
N ASN B 276 -13.89 -18.61 3.09
CA ASN B 276 -13.64 -20.03 2.92
C ASN B 276 -14.16 -20.80 4.12
#